data_5J7Q
#
_entry.id   5J7Q
#
_cell.length_a   67.699
_cell.length_b   67.732
_cell.length_c   88.152
_cell.angle_alpha   90.000
_cell.angle_beta   90.000
_cell.angle_gamma   90.000
#
_symmetry.space_group_name_H-M   'P 21 21 21'
#
loop_
_entity.id
_entity.type
_entity.pdbx_description
1 polymer 'Macrophage migration inhibitory factor'
2 non-polymer 4-(imidazo[1,2-a]pyridin-2-yl)benzene-1,2-diol
3 non-polymer 'SULFATE ION'
4 non-polymer GLYCEROL
5 non-polymer 'ISOPROPYL ALCOHOL'
6 water water
#
_entity_poly.entity_id   1
_entity_poly.type   'polypeptide(L)'
_entity_poly.pdbx_seq_one_letter_code
;PMFIVNTNVPRASVPDGFLSELTQQLAQATGKPPQYIAVHVVPDQLMAFGGSSEPCALCSLHSIGKIGGAQNRSYSKLLC
GLLAERLRISPDRVYINYYDMNAANVGWNNSTFA
;
_entity_poly.pdbx_strand_id   A,B,C
#
loop_
_chem_comp.id
_chem_comp.type
_chem_comp.name
_chem_comp.formula
6H2 non-polymer 4-(imidazo[1,2-a]pyridin-2-yl)benzene-1,2-diol 'C13 H10 N2 O2'
GOL non-polymer GLYCEROL 'C3 H8 O3'
IPA non-polymer 'ISOPROPYL ALCOHOL' 'C3 H8 O'
SO4 non-polymer 'SULFATE ION' 'O4 S -2'
#
# COMPACT_ATOMS: atom_id res chain seq x y z
N PRO A 1 11.89 10.30 -2.17
CA PRO A 1 10.88 9.40 -2.78
C PRO A 1 10.76 8.02 -2.13
N MET A 2 9.68 7.31 -2.45
N MET A 2 9.61 7.36 -2.33
CA MET A 2 9.39 6.05 -1.84
CA MET A 2 9.37 6.02 -1.78
C MET A 2 8.87 5.10 -2.90
C MET A 2 8.87 5.10 -2.89
N PHE A 3 9.56 4.00 -3.09
CA PHE A 3 9.22 3.00 -4.12
C PHE A 3 9.03 1.60 -3.51
N ILE A 4 7.90 1.00 -3.82
CA ILE A 4 7.52 -0.27 -3.26
C ILE A 4 7.23 -1.20 -4.41
N VAL A 5 7.78 -2.41 -4.34
CA VAL A 5 7.46 -3.46 -5.29
C VAL A 5 6.90 -4.65 -4.58
N ASN A 6 5.70 -5.04 -4.95
CA ASN A 6 5.14 -6.30 -4.54
C ASN A 6 5.17 -7.26 -5.72
N THR A 7 5.63 -8.49 -5.51
CA THR A 7 5.81 -9.42 -6.62
C THR A 7 5.66 -10.85 -6.14
N ASN A 8 5.27 -11.71 -7.06
CA ASN A 8 5.16 -13.17 -6.80
C ASN A 8 6.47 -13.93 -7.04
N VAL A 9 7.50 -13.23 -7.50
N VAL A 9 7.50 -13.25 -7.52
CA VAL A 9 8.84 -13.77 -7.62
CA VAL A 9 8.82 -13.85 -7.66
C VAL A 9 9.39 -14.16 -6.24
C VAL A 9 9.37 -14.18 -6.27
N PRO A 10 10.02 -15.35 -6.13
CA PRO A 10 10.50 -15.73 -4.81
C PRO A 10 11.67 -14.92 -4.32
N ARG A 11 11.79 -14.89 -3.00
CA ARG A 11 12.85 -14.23 -2.26
C ARG A 11 14.24 -14.54 -2.86
N ALA A 12 14.48 -15.80 -3.17
CA ALA A 12 15.76 -16.24 -3.74
C ALA A 12 16.13 -15.61 -5.08
N SER A 13 15.15 -15.15 -5.83
CA SER A 13 15.42 -14.63 -7.16
C SER A 13 15.62 -13.14 -7.13
N VAL A 14 15.46 -12.55 -5.94
CA VAL A 14 15.83 -11.18 -5.75
C VAL A 14 17.36 -11.15 -5.54
N PRO A 15 18.10 -10.48 -6.44
CA PRO A 15 19.55 -10.52 -6.31
C PRO A 15 20.10 -9.55 -5.28
N ASP A 16 21.25 -9.90 -4.73
CA ASP A 16 21.93 -9.00 -3.79
C ASP A 16 22.20 -7.64 -4.46
N GLY A 17 22.09 -6.56 -3.70
CA GLY A 17 22.30 -5.21 -4.23
C GLY A 17 21.05 -4.56 -4.84
N PHE A 18 19.98 -5.33 -4.97
CA PHE A 18 18.78 -4.82 -5.63
C PHE A 18 18.24 -3.54 -4.99
N LEU A 19 18.08 -3.55 -3.66
N LEU A 19 18.09 -3.54 -3.66
CA LEU A 19 17.65 -2.33 -2.95
CA LEU A 19 17.62 -2.32 -2.97
C LEU A 19 18.55 -1.14 -3.22
C LEU A 19 18.55 -1.12 -3.17
N SER A 20 19.86 -1.39 -3.20
CA SER A 20 20.81 -0.31 -3.41
C SER A 20 20.78 0.20 -4.85
N GLU A 21 20.64 -0.71 -5.82
CA GLU A 21 20.47 -0.26 -7.22
C GLU A 21 19.22 0.60 -7.38
N LEU A 22 18.13 0.16 -6.76
CA LEU A 22 16.87 0.90 -6.85
C LEU A 22 17.02 2.28 -6.30
N THR A 23 17.65 2.38 -5.13
CA THR A 23 17.94 3.69 -4.49
C THR A 23 18.79 4.62 -5.38
N GLN A 24 19.89 4.13 -5.92
CA GLN A 24 20.78 4.97 -6.72
C GLN A 24 20.11 5.44 -8.01
N GLN A 25 19.48 4.50 -8.69
CA GLN A 25 18.77 4.81 -9.94
C GLN A 25 17.61 5.79 -9.74
N LEU A 26 16.84 5.60 -8.68
CA LEU A 26 15.78 6.56 -8.35
C LEU A 26 16.35 7.90 -7.93
N ALA A 27 17.51 7.91 -7.25
CA ALA A 27 18.17 9.21 -6.95
C ALA A 27 18.35 10.01 -8.23
N GLN A 28 18.97 9.37 -9.20
CA GLN A 28 19.21 10.04 -10.48
C GLN A 28 18.02 10.36 -11.29
N ALA A 29 17.10 9.41 -11.38
CA ALA A 29 15.91 9.64 -12.16
C ALA A 29 15.14 10.80 -11.56
N THR A 30 15.00 10.87 -10.24
CA THR A 30 14.18 11.91 -9.64
C THR A 30 14.90 13.24 -9.37
N GLY A 31 16.24 13.19 -9.34
CA GLY A 31 17.06 14.37 -9.08
C GLY A 31 17.00 14.73 -7.61
N LYS A 32 16.73 13.71 -6.79
CA LYS A 32 16.59 13.86 -5.34
C LYS A 32 17.75 13.16 -4.66
N PRO A 33 18.20 13.69 -3.51
CA PRO A 33 19.33 13.06 -2.84
C PRO A 33 19.02 11.64 -2.41
N PRO A 34 19.97 10.71 -2.58
CA PRO A 34 19.74 9.31 -2.27
C PRO A 34 19.54 9.02 -0.79
N GLN A 35 19.93 9.94 0.09
N GLN A 35 19.94 9.94 0.08
CA GLN A 35 19.75 9.80 1.54
CA GLN A 35 19.76 9.80 1.51
C GLN A 35 18.27 9.87 1.92
C GLN A 35 18.29 9.86 1.90
N TYR A 36 17.47 10.54 1.09
CA TYR A 36 16.04 10.62 1.33
C TYR A 36 15.19 9.49 0.68
N ILE A 37 15.82 8.56 -0.02
CA ILE A 37 15.05 7.65 -0.87
C ILE A 37 14.83 6.34 -0.15
N ALA A 38 13.57 5.92 -0.08
CA ALA A 38 13.18 4.68 0.57
C ALA A 38 12.72 3.68 -0.47
N VAL A 39 13.08 2.42 -0.25
CA VAL A 39 12.72 1.34 -1.17
CA VAL A 39 12.79 1.32 -1.18
C VAL A 39 12.35 0.12 -0.38
N HIS A 40 11.43 -0.68 -0.94
CA HIS A 40 10.79 -1.78 -0.22
C HIS A 40 10.39 -2.81 -1.27
N VAL A 41 10.77 -4.05 -1.03
N VAL A 41 10.76 -4.06 -1.01
CA VAL A 41 10.51 -5.13 -1.99
CA VAL A 41 10.54 -5.15 -1.94
C VAL A 41 9.87 -6.26 -1.25
C VAL A 41 9.86 -6.26 -1.21
N VAL A 42 8.73 -6.72 -1.74
CA VAL A 42 7.94 -7.74 -1.09
C VAL A 42 7.77 -8.91 -2.04
N PRO A 43 8.56 -9.98 -1.84
CA PRO A 43 8.55 -11.13 -2.76
C PRO A 43 7.56 -12.14 -2.25
N ASP A 44 7.47 -13.27 -2.95
CA ASP A 44 6.64 -14.42 -2.54
C ASP A 44 5.18 -14.06 -2.39
N GLN A 45 4.69 -13.02 -3.06
CA GLN A 45 3.30 -12.67 -2.90
C GLN A 45 2.37 -13.56 -3.69
N LEU A 46 1.15 -13.64 -3.19
CA LEU A 46 0.09 -14.31 -3.87
C LEU A 46 -0.69 -13.30 -4.72
N MET A 47 -0.37 -13.29 -6.00
CA MET A 47 -0.93 -12.33 -6.93
C MET A 47 -1.15 -12.85 -8.34
N ALA A 48 -2.00 -12.18 -9.11
CA ALA A 48 -2.20 -12.53 -10.50
C ALA A 48 -2.31 -11.26 -11.27
N PHE A 49 -1.94 -11.34 -12.54
CA PHE A 49 -2.00 -10.23 -13.45
C PHE A 49 -2.66 -10.74 -14.71
N GLY A 50 -3.81 -10.17 -15.09
CA GLY A 50 -4.59 -10.71 -16.19
C GLY A 50 -5.02 -12.14 -15.95
N GLY A 51 -5.19 -12.52 -14.69
CA GLY A 51 -5.66 -13.86 -14.36
C GLY A 51 -4.54 -14.89 -14.34
N SER A 52 -3.33 -14.47 -14.75
CA SER A 52 -2.16 -15.31 -14.76
C SER A 52 -1.21 -15.13 -13.56
N SER A 53 -0.61 -16.23 -13.15
CA SER A 53 0.32 -16.23 -12.05
C SER A 53 1.78 -16.29 -12.51
N GLU A 54 2.05 -15.97 -13.77
CA GLU A 54 3.44 -15.77 -14.23
C GLU A 54 4.01 -14.56 -13.54
N PRO A 55 5.35 -14.40 -13.54
CA PRO A 55 5.95 -13.32 -12.79
C PRO A 55 5.31 -11.98 -13.10
N CYS A 56 4.98 -11.23 -12.05
CA CYS A 56 4.39 -9.91 -12.19
C CYS A 56 4.80 -9.05 -11.02
N ALA A 57 4.46 -7.77 -11.11
CA ALA A 57 4.78 -6.82 -10.05
C ALA A 57 3.76 -5.71 -9.99
N LEU A 58 3.34 -5.37 -8.77
CA LEU A 58 2.52 -4.20 -8.51
C LEU A 58 3.33 -3.24 -7.64
N CYS A 59 3.50 -2.01 -8.09
CA CYS A 59 4.48 -1.10 -7.50
C CYS A 59 3.85 0.23 -7.24
N SER A 60 4.49 1.03 -6.40
CA SER A 60 4.13 2.43 -6.27
C SER A 60 5.37 3.33 -6.14
N LEU A 61 5.25 4.56 -6.62
CA LEU A 61 6.26 5.55 -6.40
C LEU A 61 5.59 6.80 -5.89
N HIS A 62 5.99 7.24 -4.71
CA HIS A 62 5.47 8.46 -4.11
C HIS A 62 6.55 9.52 -4.09
N SER A 63 6.16 10.78 -4.29
CA SER A 63 7.11 11.87 -4.26
C SER A 63 6.39 13.19 -4.17
N ILE A 64 7.00 14.13 -3.43
CA ILE A 64 6.49 15.48 -3.38
C ILE A 64 7.02 16.11 -4.63
N GLY A 65 6.14 16.28 -5.61
CA GLY A 65 6.52 16.77 -6.94
C GLY A 65 7.41 15.80 -7.71
N LYS A 66 7.84 16.23 -8.89
CA LYS A 66 8.59 15.38 -9.82
C LYS A 66 7.77 14.18 -10.33
N ILE A 67 6.46 14.37 -10.42
CA ILE A 67 5.56 13.35 -10.90
C ILE A 67 4.81 14.01 -12.02
N GLY A 68 4.86 13.44 -13.22
CA GLY A 68 4.11 14.00 -14.32
C GLY A 68 4.22 13.16 -15.55
N GLY A 69 3.50 13.56 -16.59
CA GLY A 69 3.42 12.80 -17.82
C GLY A 69 4.77 12.26 -18.27
N ALA A 70 5.66 13.15 -18.67
CA ALA A 70 6.94 12.72 -19.26
C ALA A 70 7.84 12.06 -18.22
N GLN A 71 7.86 12.62 -17.02
CA GLN A 71 8.70 12.03 -15.97
C GLN A 71 8.23 10.61 -15.64
N ASN A 72 6.92 10.39 -15.59
CA ASN A 72 6.43 9.06 -15.24
C ASN A 72 6.73 8.05 -16.34
N ARG A 73 6.66 8.45 -17.60
CA ARG A 73 7.11 7.57 -18.68
C ARG A 73 8.58 7.18 -18.50
N SER A 74 9.38 8.17 -18.14
N SER A 74 9.44 8.15 -18.20
CA SER A 74 10.80 7.90 -17.88
CA SER A 74 10.86 7.87 -18.01
C SER A 74 10.94 6.89 -16.75
C SER A 74 11.05 6.98 -16.73
N TYR A 75 10.28 7.21 -15.64
CA TYR A 75 10.38 6.31 -14.46
C TYR A 75 9.97 4.91 -14.82
N SER A 76 8.89 4.76 -15.58
CA SER A 76 8.39 3.42 -15.94
C SER A 76 9.41 2.64 -16.80
N LYS A 77 10.03 3.34 -17.76
CA LYS A 77 11.08 2.70 -18.56
C LYS A 77 12.21 2.21 -17.67
N LEU A 78 12.72 3.09 -16.83
CA LEU A 78 13.75 2.73 -15.86
C LEU A 78 13.35 1.54 -14.98
N LEU A 79 12.20 1.68 -14.32
CA LEU A 79 11.79 0.68 -13.33
C LEU A 79 11.42 -0.64 -13.96
N CYS A 80 10.66 -0.61 -15.05
CA CYS A 80 10.38 -1.83 -15.77
C CYS A 80 11.67 -2.52 -16.28
N GLY A 81 12.60 -1.73 -16.82
CA GLY A 81 13.94 -2.27 -17.21
C GLY A 81 14.62 -2.99 -16.06
N LEU A 82 14.66 -2.34 -14.91
CA LEU A 82 15.24 -3.01 -13.72
C LEU A 82 14.54 -4.30 -13.32
N LEU A 83 13.22 -4.32 -13.33
CA LEU A 83 12.48 -5.53 -12.94
C LEU A 83 12.63 -6.67 -13.96
N ALA A 84 12.71 -6.30 -15.23
CA ALA A 84 12.98 -7.30 -16.29
C ALA A 84 14.36 -7.89 -16.11
N GLU A 85 15.33 -6.99 -16.01
CA GLU A 85 16.74 -7.39 -15.90
C GLU A 85 16.98 -8.20 -14.61
N ARG A 86 16.62 -7.65 -13.46
CA ARG A 86 16.97 -8.28 -12.19
C ARG A 86 16.04 -9.38 -11.70
N LEU A 87 14.73 -9.30 -11.97
CA LEU A 87 13.77 -10.30 -11.48
C LEU A 87 13.08 -11.09 -12.57
N ARG A 88 13.43 -10.82 -13.83
CA ARG A 88 12.89 -11.54 -15.00
C ARG A 88 11.37 -11.42 -15.11
N ILE A 89 10.88 -10.21 -14.85
CA ILE A 89 9.44 -9.90 -14.97
C ILE A 89 9.22 -9.14 -16.26
N SER A 90 8.29 -9.61 -17.08
CA SER A 90 7.99 -8.92 -18.33
C SER A 90 7.41 -7.54 -18.02
N PRO A 91 7.91 -6.51 -18.70
CA PRO A 91 7.38 -5.16 -18.51
C PRO A 91 5.87 -5.06 -18.63
N ASP A 92 5.28 -5.91 -19.48
CA ASP A 92 3.82 -5.86 -19.63
C ASP A 92 3.03 -6.56 -18.50
N ARG A 93 3.76 -7.08 -17.50
CA ARG A 93 3.12 -7.64 -16.30
C ARG A 93 3.50 -6.82 -15.06
N VAL A 94 3.73 -5.53 -15.28
CA VAL A 94 4.03 -4.58 -14.23
C VAL A 94 3.05 -3.43 -14.25
N TYR A 95 2.51 -3.06 -13.07
CA TYR A 95 1.82 -1.77 -12.88
C TYR A 95 2.58 -0.92 -11.86
N ILE A 96 2.67 0.38 -12.10
CA ILE A 96 3.30 1.28 -11.17
C ILE A 96 2.37 2.44 -11.02
N ASN A 97 1.84 2.63 -9.81
CA ASN A 97 1.00 3.74 -9.50
C ASN A 97 1.88 4.89 -8.99
N TYR A 98 1.70 6.08 -9.58
CA TYR A 98 2.47 7.25 -9.19
C TYR A 98 1.60 8.22 -8.40
N TYR A 99 2.16 8.69 -7.31
CA TYR A 99 1.47 9.61 -6.42
C TYR A 99 2.33 10.88 -6.23
N ASP A 100 1.77 12.00 -6.67
CA ASP A 100 2.37 13.31 -6.39
C ASP A 100 1.84 13.78 -5.02
N MET A 101 2.64 13.61 -3.97
CA MET A 101 2.22 13.97 -2.63
C MET A 101 2.36 15.47 -2.32
N ASN A 102 1.35 16.01 -1.67
CA ASN A 102 1.45 17.37 -1.11
C ASN A 102 2.44 17.35 0.08
N ALA A 103 3.30 18.37 0.18
CA ALA A 103 4.32 18.39 1.24
C ALA A 103 3.70 18.30 2.64
N ALA A 104 2.47 18.82 2.81
CA ALA A 104 1.78 18.79 4.11
C ALA A 104 1.31 17.38 4.49
N ASN A 105 1.23 16.48 3.50
CA ASN A 105 0.77 15.13 3.69
C ASN A 105 1.87 14.11 3.68
N VAL A 106 3.12 14.56 3.88
CA VAL A 106 4.20 13.63 4.09
C VAL A 106 4.88 13.89 5.42
N GLY A 107 4.89 12.88 6.26
CA GLY A 107 5.40 12.98 7.60
C GLY A 107 6.80 12.39 7.64
N TRP A 108 7.71 13.08 8.36
CA TRP A 108 9.09 12.63 8.55
C TRP A 108 9.72 13.30 9.76
N ASN A 109 10.47 12.57 10.57
CA ASN A 109 11.22 13.19 11.66
C ASN A 109 10.36 14.13 12.51
N ASN A 110 9.28 13.57 13.05
CA ASN A 110 8.34 14.25 13.97
C ASN A 110 7.59 15.43 13.44
N SER A 111 7.70 15.68 12.15
CA SER A 111 6.96 16.78 11.54
C SER A 111 6.55 16.38 10.12
N THR A 112 6.28 17.37 9.27
CA THR A 112 5.95 17.15 7.87
C THR A 112 6.79 18.15 7.08
N PHE A 113 6.70 18.10 5.75
CA PHE A 113 7.44 19.00 4.85
C PHE A 113 6.71 20.28 4.45
N ALA A 114 5.54 20.54 5.02
CA ALA A 114 4.89 21.84 4.76
C ALA A 114 5.67 22.93 5.52
N PRO B 1 -7.20 -2.38 -13.82
CA PRO B 1 -7.43 -2.11 -12.40
C PRO B 1 -6.60 -3.02 -11.48
N MET B 2 -6.53 -2.70 -10.22
CA MET B 2 -5.68 -3.39 -9.31
C MET B 2 -6.44 -3.49 -8.00
N PHE B 3 -6.59 -4.70 -7.47
CA PHE B 3 -7.25 -4.91 -6.18
C PHE B 3 -6.35 -5.65 -5.22
N ILE B 4 -6.18 -5.11 -4.02
CA ILE B 4 -5.35 -5.67 -2.98
C ILE B 4 -6.19 -5.89 -1.73
N VAL B 5 -6.10 -7.10 -1.17
CA VAL B 5 -6.71 -7.46 0.12
CA VAL B 5 -6.69 -7.37 0.13
C VAL B 5 -5.62 -7.81 1.11
N ASN B 6 -5.55 -7.11 2.23
CA ASN B 6 -4.71 -7.49 3.34
C ASN B 6 -5.60 -7.99 4.47
N THR B 7 -5.31 -9.18 4.99
CA THR B 7 -6.20 -9.81 5.97
C THR B 7 -5.42 -10.60 7.01
N ASN B 8 -6.02 -10.75 8.19
CA ASN B 8 -5.46 -11.61 9.25
C ASN B 8 -5.90 -13.08 9.13
N VAL B 9 -6.81 -13.37 8.20
CA VAL B 9 -7.19 -14.74 7.90
C VAL B 9 -5.93 -15.53 7.46
N PRO B 10 -5.80 -16.80 7.89
CA PRO B 10 -4.56 -17.49 7.55
C PRO B 10 -4.59 -17.99 6.11
N ARG B 11 -3.40 -18.25 5.58
CA ARG B 11 -3.24 -18.64 4.17
C ARG B 11 -4.15 -19.80 3.83
N ALA B 12 -4.16 -20.82 4.68
CA ALA B 12 -4.94 -22.03 4.45
C ALA B 12 -6.41 -21.74 4.31
N SER B 13 -6.89 -20.64 4.89
CA SER B 13 -8.29 -20.26 4.75
C SER B 13 -8.64 -19.56 3.45
N VAL B 14 -7.65 -19.24 2.63
CA VAL B 14 -7.92 -18.66 1.31
C VAL B 14 -8.24 -19.79 0.33
N PRO B 15 -9.47 -19.88 -0.17
CA PRO B 15 -9.75 -21.08 -0.97
C PRO B 15 -9.13 -21.06 -2.36
N ASP B 16 -8.82 -22.24 -2.88
CA ASP B 16 -8.33 -22.38 -4.24
C ASP B 16 -9.31 -21.67 -5.14
N GLY B 17 -8.80 -20.97 -6.15
CA GLY B 17 -9.64 -20.27 -7.12
C GLY B 17 -9.93 -18.83 -6.77
N PHE B 18 -9.44 -18.34 -5.64
CA PHE B 18 -9.89 -17.02 -5.12
C PHE B 18 -9.41 -15.86 -5.98
N LEU B 19 -8.13 -15.91 -6.35
CA LEU B 19 -7.57 -14.86 -7.23
C LEU B 19 -8.25 -14.81 -8.58
N SER B 20 -8.57 -15.98 -9.16
CA SER B 20 -9.30 -16.01 -10.43
C SER B 20 -10.72 -15.50 -10.29
N GLU B 21 -11.36 -15.84 -9.18
CA GLU B 21 -12.71 -15.31 -8.94
C GLU B 21 -12.71 -13.79 -8.82
N LEU B 22 -11.75 -13.24 -8.09
CA LEU B 22 -11.63 -11.79 -7.98
C LEU B 22 -11.39 -11.17 -9.34
N THR B 23 -10.48 -11.74 -10.13
CA THR B 23 -10.15 -11.27 -11.47
C THR B 23 -11.41 -11.16 -12.35
N GLN B 24 -12.19 -12.25 -12.38
CA GLN B 24 -13.38 -12.36 -13.22
C GLN B 24 -14.45 -11.41 -12.80
N GLN B 25 -14.76 -11.39 -11.51
CA GLN B 25 -15.79 -10.50 -11.00
C GLN B 25 -15.41 -9.01 -11.10
N LEU B 26 -14.15 -8.66 -10.86
CA LEU B 26 -13.75 -7.28 -11.10
C LEU B 26 -13.78 -6.87 -12.58
N ALA B 27 -13.45 -7.80 -13.47
CA ALA B 27 -13.61 -7.54 -14.89
C ALA B 27 -15.07 -7.20 -15.20
N GLN B 28 -15.98 -8.05 -14.76
CA GLN B 28 -17.42 -7.81 -14.91
C GLN B 28 -17.84 -6.50 -14.26
N ALA B 29 -17.39 -6.24 -13.04
CA ALA B 29 -17.87 -5.07 -12.33
C ALA B 29 -17.32 -3.75 -12.92
N THR B 30 -16.04 -3.70 -13.31
CA THR B 30 -15.49 -2.46 -13.87
C THR B 30 -15.72 -2.27 -15.37
N GLY B 31 -16.19 -3.31 -16.07
CA GLY B 31 -16.35 -3.27 -17.54
C GLY B 31 -15.04 -3.32 -18.30
N LYS B 32 -13.95 -3.67 -17.63
CA LYS B 32 -12.64 -3.73 -18.24
C LYS B 32 -12.22 -5.17 -18.49
N PRO B 33 -11.38 -5.41 -19.50
CA PRO B 33 -11.04 -6.79 -19.81
C PRO B 33 -10.24 -7.47 -18.71
N PRO B 34 -10.45 -8.78 -18.48
CA PRO B 34 -9.76 -9.47 -17.40
C PRO B 34 -8.25 -9.41 -17.56
N GLN B 35 -7.75 -9.25 -18.79
CA GLN B 35 -6.33 -9.10 -19.01
C GLN B 35 -5.72 -7.87 -18.33
N TYR B 36 -6.52 -6.86 -18.01
CA TYR B 36 -6.00 -5.64 -17.38
C TYR B 36 -6.20 -5.64 -15.85
N ILE B 37 -6.78 -6.72 -15.32
CA ILE B 37 -7.08 -6.80 -13.90
C ILE B 37 -5.93 -7.48 -13.18
N ALA B 38 -5.38 -6.82 -12.16
CA ALA B 38 -4.41 -7.40 -11.25
C ALA B 38 -5.00 -7.56 -9.86
N VAL B 39 -4.68 -8.67 -9.21
CA VAL B 39 -5.19 -8.96 -7.88
CA VAL B 39 -5.21 -9.00 -7.90
C VAL B 39 -4.08 -9.49 -7.02
N HIS B 40 -4.17 -9.20 -5.72
CA HIS B 40 -3.11 -9.50 -4.76
C HIS B 40 -3.78 -9.73 -3.42
N VAL B 41 -3.51 -10.88 -2.81
CA VAL B 41 -4.10 -11.25 -1.53
C VAL B 41 -2.96 -11.49 -0.57
N VAL B 42 -3.03 -10.84 0.60
CA VAL B 42 -1.98 -10.91 1.62
C VAL B 42 -2.56 -11.39 2.95
N PRO B 43 -2.48 -12.71 3.18
CA PRO B 43 -3.01 -13.30 4.39
C PRO B 43 -2.03 -13.22 5.57
N ASP B 44 -2.48 -13.76 6.70
CA ASP B 44 -1.71 -13.89 7.91
C ASP B 44 -1.18 -12.56 8.47
N GLN B 45 -1.88 -11.46 8.24
CA GLN B 45 -1.36 -10.19 8.70
C GLN B 45 -1.61 -9.93 10.17
N LEU B 46 -0.71 -9.15 10.75
CA LEU B 46 -0.92 -8.65 12.10
C LEU B 46 -1.81 -7.42 12.02
N MET B 47 -3.12 -7.54 12.29
CA MET B 47 -3.98 -6.37 12.19
C MET B 47 -5.12 -6.34 13.19
N ALA B 48 -5.68 -5.16 13.42
CA ALA B 48 -6.86 -5.01 14.23
C ALA B 48 -7.80 -4.05 13.55
N PHE B 49 -9.07 -4.22 13.85
CA PHE B 49 -10.15 -3.44 13.28
C PHE B 49 -11.11 -3.15 14.44
N GLY B 50 -11.29 -1.87 14.75
CA GLY B 50 -12.08 -1.47 15.90
C GLY B 50 -11.56 -1.97 17.24
N GLY B 51 -10.27 -2.20 17.35
CA GLY B 51 -9.69 -2.68 18.59
C GLY B 51 -9.71 -4.18 18.79
N SER B 52 -10.26 -4.94 17.85
CA SER B 52 -10.22 -6.40 17.94
C SER B 52 -9.67 -7.10 16.69
N SER B 53 -9.31 -8.36 16.90
CA SER B 53 -8.63 -9.14 15.91
C SER B 53 -9.40 -10.32 15.35
N GLU B 54 -10.73 -10.25 15.35
CA GLU B 54 -11.50 -11.20 14.56
C GLU B 54 -11.15 -10.96 13.08
N PRO B 55 -11.51 -11.91 12.21
CA PRO B 55 -11.23 -11.72 10.79
C PRO B 55 -11.62 -10.33 10.31
N CYS B 56 -10.69 -9.69 9.59
CA CYS B 56 -10.93 -8.39 8.98
C CYS B 56 -10.14 -8.26 7.66
N ALA B 57 -10.51 -7.29 6.83
CA ALA B 57 -9.75 -7.01 5.57
C ALA B 57 -9.57 -5.50 5.35
N LEU B 58 -8.36 -5.10 5.02
CA LEU B 58 -8.08 -3.77 4.51
C LEU B 58 -7.65 -3.88 3.04
N CYS B 59 -8.43 -3.24 2.19
CA CYS B 59 -8.32 -3.42 0.76
C CYS B 59 -8.16 -2.11 0.02
N SER B 60 -7.68 -2.20 -1.22
CA SER B 60 -7.76 -1.06 -2.14
C SER B 60 -8.12 -1.47 -3.56
N LEU B 61 -8.83 -0.60 -4.28
CA LEU B 61 -9.15 -0.83 -5.67
C LEU B 61 -8.72 0.43 -6.40
N HIS B 62 -7.76 0.27 -7.31
CA HIS B 62 -7.29 1.37 -8.16
C HIS B 62 -7.81 1.11 -9.57
N SER B 63 -8.38 2.12 -10.20
CA SER B 63 -8.80 2.00 -11.58
C SER B 63 -8.63 3.33 -12.31
N ILE B 64 -8.34 3.29 -13.62
CA ILE B 64 -8.36 4.51 -14.42
C ILE B 64 -9.81 4.76 -14.78
N GLY B 65 -10.47 5.67 -14.07
CA GLY B 65 -11.92 5.84 -14.20
C GLY B 65 -12.69 4.65 -13.67
N LYS B 66 -14.01 4.64 -13.91
CA LYS B 66 -14.95 3.68 -13.34
C LYS B 66 -14.98 3.74 -11.80
N ILE B 67 -14.62 4.88 -11.23
CA ILE B 67 -14.65 5.08 -9.80
C ILE B 67 -15.63 6.24 -9.52
N GLY B 68 -16.52 6.08 -8.55
CA GLY B 68 -17.55 7.10 -8.28
C GLY B 68 -18.56 6.59 -7.26
N GLY B 69 -19.48 7.45 -6.83
CA GLY B 69 -20.40 7.10 -5.73
C GLY B 69 -21.18 5.81 -5.90
N ALA B 70 -22.01 5.76 -6.95
CA ALA B 70 -22.82 4.56 -7.22
C ALA B 70 -21.95 3.36 -7.53
N GLN B 71 -20.90 3.56 -8.33
CA GLN B 71 -20.06 2.46 -8.71
C GLN B 71 -19.32 1.91 -7.50
N ASN B 72 -18.82 2.78 -6.64
CA ASN B 72 -18.09 2.31 -5.46
C ASN B 72 -19.01 1.54 -4.49
N ARG B 73 -20.26 2.01 -4.35
N ARG B 73 -20.27 1.95 -4.35
CA ARG B 73 -21.34 1.30 -3.63
CA ARG B 73 -21.21 1.20 -3.51
C ARG B 73 -21.41 -0.13 -4.12
C ARG B 73 -21.47 -0.17 -4.11
N SER B 74 -21.54 -0.25 -5.44
CA SER B 74 -21.68 -1.53 -6.11
C SER B 74 -20.43 -2.38 -5.94
N TYR B 75 -19.25 -1.78 -6.08
CA TYR B 75 -18.03 -2.56 -5.85
C TYR B 75 -17.97 -3.10 -4.43
N SER B 76 -18.41 -2.29 -3.49
CA SER B 76 -18.31 -2.67 -2.10
C SER B 76 -19.25 -3.81 -1.78
N LYS B 77 -20.44 -3.81 -2.37
CA LYS B 77 -21.38 -4.93 -2.17
C LYS B 77 -20.75 -6.18 -2.76
N LEU B 78 -20.22 -6.08 -3.98
CA LEU B 78 -19.54 -7.21 -4.59
C LEU B 78 -18.39 -7.74 -3.74
N LEU B 79 -17.44 -6.87 -3.36
CA LEU B 79 -16.22 -7.32 -2.72
C LEU B 79 -16.44 -7.78 -1.28
N CYS B 80 -17.30 -7.09 -0.54
CA CYS B 80 -17.67 -7.59 0.79
C CYS B 80 -18.36 -8.97 0.69
N GLY B 81 -19.23 -9.14 -0.31
CA GLY B 81 -19.90 -10.42 -0.59
C GLY B 81 -18.88 -11.53 -0.76
N LEU B 82 -17.87 -11.31 -1.59
CA LEU B 82 -16.82 -12.32 -1.81
C LEU B 82 -15.97 -12.58 -0.57
N LEU B 83 -15.63 -11.52 0.16
CA LEU B 83 -14.84 -11.69 1.37
C LEU B 83 -15.61 -12.44 2.47
N ALA B 84 -16.92 -12.21 2.58
CA ALA B 84 -17.75 -12.95 3.54
C ALA B 84 -17.89 -14.41 3.13
N GLU B 85 -18.26 -14.63 1.88
CA GLU B 85 -18.46 -15.98 1.37
C GLU B 85 -17.18 -16.83 1.34
N ARG B 86 -16.07 -16.25 0.88
CA ARG B 86 -14.85 -17.02 0.68
C ARG B 86 -13.90 -17.01 1.83
N LEU B 87 -13.81 -15.89 2.55
CA LEU B 87 -12.85 -15.77 3.67
C LEU B 87 -13.55 -15.72 5.04
N ARG B 88 -14.88 -15.72 5.05
CA ARG B 88 -15.64 -15.61 6.32
C ARG B 88 -15.38 -14.32 7.12
N ILE B 89 -15.27 -13.21 6.41
CA ILE B 89 -15.01 -11.92 7.04
C ILE B 89 -16.30 -11.13 7.00
N SER B 90 -16.71 -10.62 8.15
CA SER B 90 -17.95 -9.87 8.24
C SER B 90 -17.81 -8.58 7.45
N PRO B 91 -18.81 -8.21 6.64
CA PRO B 91 -18.65 -6.97 5.86
C PRO B 91 -18.37 -5.72 6.67
N ASP B 92 -18.77 -5.70 7.95
CA ASP B 92 -18.56 -4.52 8.77
C ASP B 92 -17.16 -4.51 9.33
N ARG B 93 -16.33 -5.49 8.99
CA ARG B 93 -14.92 -5.47 9.36
C ARG B 93 -14.02 -5.41 8.10
N VAL B 94 -14.55 -4.77 7.07
CA VAL B 94 -13.82 -4.56 5.81
C VAL B 94 -13.78 -3.06 5.48
N TYR B 95 -12.60 -2.56 5.16
CA TYR B 95 -12.49 -1.27 4.51
C TYR B 95 -11.91 -1.44 3.13
N ILE B 96 -12.45 -0.71 2.15
CA ILE B 96 -11.90 -0.72 0.80
C ILE B 96 -11.67 0.75 0.42
N ASN B 97 -10.43 1.10 0.14
CA ASN B 97 -10.11 2.43 -0.37
C ASN B 97 -10.13 2.41 -1.89
N TYR B 98 -10.83 3.38 -2.48
CA TYR B 98 -10.97 3.48 -3.93
C TYR B 98 -10.15 4.67 -4.43
N TYR B 99 -9.41 4.41 -5.51
CA TYR B 99 -8.53 5.40 -6.10
C TYR B 99 -8.84 5.54 -7.60
N ASP B 100 -9.31 6.72 -7.99
CA ASP B 100 -9.48 7.02 -9.41
C ASP B 100 -8.14 7.52 -9.94
N MET B 101 -7.39 6.67 -10.61
CA MET B 101 -6.08 7.06 -11.10
C MET B 101 -6.16 7.76 -12.45
N ASN B 102 -5.36 8.82 -12.59
CA ASN B 102 -5.15 9.44 -13.89
C ASN B 102 -4.22 8.56 -14.74
N ALA B 103 -4.53 8.38 -16.02
CA ALA B 103 -3.79 7.44 -16.86
C ALA B 103 -2.28 7.75 -16.88
N ALA B 104 -1.94 9.02 -16.77
CA ALA B 104 -0.53 9.50 -16.77
C ALA B 104 0.25 9.08 -15.54
N ASN B 105 -0.48 8.71 -14.49
CA ASN B 105 0.12 8.25 -13.25
C ASN B 105 0.00 6.75 -13.07
N VAL B 106 -0.13 6.02 -14.18
CA VAL B 106 -0.08 4.56 -14.12
C VAL B 106 0.91 4.06 -15.12
N GLY B 107 1.96 3.47 -14.60
CA GLY B 107 2.98 2.90 -15.41
C GLY B 107 2.75 1.47 -15.80
N TRP B 108 3.11 1.12 -17.01
CA TRP B 108 2.92 -0.22 -17.51
C TRP B 108 3.78 -0.38 -18.76
N ASN B 109 4.37 -1.54 -18.95
CA ASN B 109 5.12 -1.83 -20.16
C ASN B 109 6.07 -0.69 -20.60
N ASN B 110 6.94 -0.23 -19.69
CA ASN B 110 7.97 0.79 -20.00
C ASN B 110 7.48 2.22 -20.22
N SER B 111 6.17 2.43 -20.07
CA SER B 111 5.59 3.74 -20.28
C SER B 111 4.44 3.96 -19.29
N THR B 112 3.54 4.89 -19.61
CA THR B 112 2.30 5.01 -18.87
C THR B 112 1.14 4.77 -19.79
N PHE B 113 -0.06 4.79 -19.23
CA PHE B 113 -1.29 4.71 -20.00
C PHE B 113 -1.67 6.04 -20.66
N ALA B 114 -0.96 7.13 -20.40
CA ALA B 114 -1.33 8.42 -21.05
C ALA B 114 -1.36 8.31 -22.57
N PRO C 1 -10.59 5.53 10.39
CA PRO C 1 -9.20 5.71 9.98
C PRO C 1 -8.43 4.40 9.89
N MET C 2 -7.34 4.41 9.14
CA MET C 2 -6.53 3.23 8.87
C MET C 2 -5.07 3.62 8.96
N PHE C 3 -4.31 2.92 9.81
CA PHE C 3 -2.87 3.15 9.94
C PHE C 3 -2.13 1.88 9.61
N ILE C 4 -1.16 1.98 8.71
CA ILE C 4 -0.33 0.85 8.31
C ILE C 4 1.14 1.23 8.50
N VAL C 5 1.89 0.30 9.10
CA VAL C 5 3.32 0.45 9.32
C VAL C 5 4.04 -0.72 8.69
N ASN C 6 4.92 -0.42 7.75
CA ASN C 6 5.79 -1.43 7.17
C ASN C 6 7.19 -1.17 7.69
N THR C 7 7.88 -2.20 8.16
CA THR C 7 9.16 -2.00 8.82
C THR C 7 10.08 -3.21 8.69
N ASN C 8 11.39 -2.95 8.65
CA ASN C 8 12.42 -4.03 8.66
C ASN C 8 12.68 -4.64 10.05
N VAL C 9 12.25 -3.94 11.08
CA VAL C 9 12.27 -4.46 12.46
C VAL C 9 11.62 -5.86 12.54
N PRO C 10 12.22 -6.80 13.29
CA PRO C 10 11.64 -8.11 13.32
C PRO C 10 10.39 -8.17 14.15
N ARG C 11 9.59 -9.19 13.88
CA ARG C 11 8.31 -9.50 14.54
C ARG C 11 8.38 -9.58 16.07
N ALA C 12 9.41 -10.28 16.55
CA ALA C 12 9.63 -10.43 17.99
C ALA C 12 9.96 -9.10 18.69
N SER C 13 10.39 -8.08 17.94
CA SER C 13 10.60 -6.76 18.50
C SER C 13 9.35 -5.91 18.56
N VAL C 14 8.22 -6.43 18.11
CA VAL C 14 6.98 -5.68 18.19
C VAL C 14 6.30 -5.95 19.51
N PRO C 15 6.20 -4.93 20.38
CA PRO C 15 5.74 -5.28 21.72
C PRO C 15 4.33 -5.78 21.72
N ASP C 16 4.02 -6.72 22.61
CA ASP C 16 2.64 -7.11 22.84
C ASP C 16 1.92 -5.85 23.29
N GLY C 17 0.71 -5.64 22.78
CA GLY C 17 -0.04 -4.46 23.11
C GLY C 17 0.09 -3.33 22.12
N PHE C 18 0.94 -3.48 21.11
CA PHE C 18 1.22 -2.37 20.17
C PHE C 18 0.00 -2.00 19.32
N LEU C 19 -0.71 -2.99 18.81
CA LEU C 19 -1.89 -2.73 18.00
C LEU C 19 -2.95 -1.99 18.85
N SER C 20 -3.23 -2.50 20.05
CA SER C 20 -4.16 -1.80 20.95
CA SER C 20 -4.15 -1.83 20.98
C SER C 20 -3.71 -0.38 21.24
N GLU C 21 -2.43 -0.18 21.53
CA GLU C 21 -1.94 1.16 21.78
C GLU C 21 -2.06 2.11 20.56
N LEU C 22 -1.79 1.59 19.36
CA LEU C 22 -1.95 2.45 18.21
C LEU C 22 -3.44 2.80 18.05
N THR C 23 -4.29 1.80 18.20
CA THR C 23 -5.73 2.02 18.08
C THR C 23 -6.19 3.18 19.01
N GLN C 24 -5.88 3.04 20.28
CA GLN C 24 -6.31 4.00 21.30
C GLN C 24 -5.70 5.36 21.05
N GLN C 25 -4.42 5.40 20.73
CA GLN C 25 -3.75 6.66 20.45
C GLN C 25 -4.32 7.35 19.22
N LEU C 26 -4.70 6.56 18.20
CA LEU C 26 -5.25 7.17 16.98
C LEU C 26 -6.67 7.66 17.19
N ALA C 27 -7.47 6.88 17.92
CA ALA C 27 -8.86 7.26 18.26
C ALA C 27 -8.86 8.63 18.92
N GLN C 28 -8.00 8.79 19.94
CA GLN C 28 -7.78 10.06 20.59
C GLN C 28 -7.20 11.11 19.65
N ALA C 29 -6.17 10.80 18.86
CA ALA C 29 -5.61 11.84 17.97
C ALA C 29 -6.59 12.33 16.90
N THR C 30 -7.41 11.42 16.35
CA THR C 30 -8.33 11.78 15.25
C THR C 30 -9.70 12.26 15.73
N GLY C 31 -10.04 11.98 16.99
CA GLY C 31 -11.37 12.29 17.52
C GLY C 31 -12.46 11.32 17.06
N LYS C 32 -12.07 10.21 16.45
CA LYS C 32 -13.03 9.22 15.98
C LYS C 32 -13.07 8.05 16.96
N PRO C 33 -14.22 7.37 17.05
CA PRO C 33 -14.31 6.23 17.96
C PRO C 33 -13.35 5.09 17.60
N PRO C 34 -12.77 4.43 18.61
CA PRO C 34 -11.85 3.32 18.38
C PRO C 34 -12.43 2.24 17.48
N GLN C 35 -13.75 2.08 17.49
CA GLN C 35 -14.43 1.12 16.63
C GLN C 35 -14.18 1.38 15.10
N TYR C 36 -13.82 2.60 14.71
CA TYR C 36 -13.57 2.89 13.30
C TYR C 36 -12.10 2.90 12.95
N ILE C 37 -11.24 2.57 13.91
CA ILE C 37 -9.79 2.61 13.72
C ILE C 37 -9.29 1.22 13.37
N ALA C 38 -8.56 1.13 12.28
CA ALA C 38 -7.95 -0.12 11.88
C ALA C 38 -6.44 0.10 11.85
N VAL C 39 -5.70 -0.88 12.35
N VAL C 39 -5.71 -0.89 12.36
CA VAL C 39 -4.24 -0.79 12.38
CA VAL C 39 -4.26 -0.83 12.44
C VAL C 39 -3.62 -2.08 11.86
C VAL C 39 -3.65 -2.08 11.81
N HIS C 40 -2.48 -1.94 11.22
CA HIS C 40 -1.85 -3.05 10.50
C HIS C 40 -0.35 -2.86 10.63
N VAL C 41 0.35 -3.89 11.09
CA VAL C 41 1.78 -3.79 11.29
C VAL C 41 2.43 -4.92 10.52
N VAL C 42 3.45 -4.58 9.73
CA VAL C 42 4.07 -5.54 8.81
C VAL C 42 5.56 -5.53 9.09
N PRO C 43 6.01 -6.46 9.93
CA PRO C 43 7.42 -6.54 10.30
C PRO C 43 8.25 -7.40 9.31
N ASP C 44 9.56 -7.50 9.57
CA ASP C 44 10.46 -8.38 8.83
C ASP C 44 10.56 -8.00 7.34
N GLN C 45 10.34 -6.74 7.00
CA GLN C 45 10.35 -6.32 5.58
C GLN C 45 11.74 -6.01 4.97
N LEU C 46 11.90 -6.40 3.70
N LEU C 46 11.91 -6.41 3.71
CA LEU C 46 13.11 -6.05 2.96
CA LEU C 46 13.11 -6.07 2.95
C LEU C 46 13.02 -4.62 2.48
C LEU C 46 13.02 -4.62 2.48
N MET C 47 13.63 -3.70 3.24
CA MET C 47 13.55 -2.31 2.93
C MET C 47 14.77 -1.52 3.31
N ALA C 48 14.93 -0.36 2.68
CA ALA C 48 16.01 0.55 3.00
C ALA C 48 15.51 1.96 2.95
N PHE C 49 16.19 2.79 3.72
CA PHE C 49 15.95 4.21 3.80
C PHE C 49 17.29 4.89 3.64
N GLY C 50 17.42 5.69 2.60
CA GLY C 50 18.66 6.43 2.36
C GLY C 50 19.78 5.52 1.98
N GLY C 51 19.42 4.34 1.46
CA GLY C 51 20.39 3.32 1.10
C GLY C 51 20.74 2.41 2.26
N SER C 52 20.36 2.79 3.48
CA SER C 52 20.66 2.01 4.71
C SER C 52 19.57 1.02 5.13
N SER C 53 19.99 -0.15 5.57
CA SER C 53 19.10 -1.14 6.14
C SER C 53 19.04 -1.08 7.69
N GLU C 54 19.43 0.05 8.26
CA GLU C 54 19.19 0.33 9.68
C GLU C 54 17.67 0.39 9.88
N PRO C 55 17.19 0.20 11.13
CA PRO C 55 15.74 0.12 11.29
C PRO C 55 15.00 1.33 10.72
N CYS C 56 13.89 1.07 10.03
CA CYS C 56 13.15 2.14 9.38
C CYS C 56 11.70 1.73 9.20
N ALA C 57 10.87 2.68 8.84
CA ALA C 57 9.44 2.40 8.71
C ALA C 57 8.81 3.23 7.60
N LEU C 58 7.94 2.59 6.82
CA LEU C 58 7.17 3.30 5.86
C LEU C 58 5.69 3.10 6.22
N CYS C 59 4.97 4.19 6.41
CA CYS C 59 3.64 4.11 7.01
C CYS C 59 2.64 4.90 6.22
N SER C 60 1.37 4.63 6.47
N SER C 60 1.37 4.62 6.50
CA SER C 60 0.30 5.46 5.93
CA SER C 60 0.25 5.37 5.94
C SER C 60 -0.83 5.67 6.93
C SER C 60 -0.83 5.66 6.98
N LEU C 61 -1.45 6.84 6.89
CA LEU C 61 -2.65 7.13 7.67
C LEU C 61 -3.72 7.61 6.69
N HIS C 62 -4.80 6.85 6.57
CA HIS C 62 -5.95 7.29 5.79
C HIS C 62 -7.07 7.65 6.76
N SER C 63 -7.75 8.75 6.49
CA SER C 63 -8.87 9.16 7.30
C SER C 63 -9.79 9.93 6.42
N ILE C 64 -11.09 9.89 6.72
CA ILE C 64 -12.05 10.72 6.04
C ILE C 64 -12.07 12.03 6.81
N GLY C 65 -11.41 13.03 6.27
CA GLY C 65 -11.17 14.26 7.04
C GLY C 65 -10.24 13.98 8.19
N LYS C 66 -10.12 14.99 9.05
CA LYS C 66 -9.11 15.09 10.10
C LYS C 66 -7.67 15.00 9.55
N ILE C 67 -7.45 15.53 8.34
CA ILE C 67 -6.15 15.50 7.69
C ILE C 67 -5.84 16.92 7.20
N GLY C 68 -4.71 17.48 7.62
CA GLY C 68 -4.33 18.84 7.19
C GLY C 68 -2.99 19.22 7.78
N GLY C 69 -2.57 20.46 7.54
CA GLY C 69 -1.21 20.88 7.89
C GLY C 69 -0.84 20.70 9.35
N ALA C 70 -1.67 21.27 10.22
CA ALA C 70 -1.38 21.26 11.66
C ALA C 70 -1.52 19.86 12.21
N GLN C 71 -2.66 19.25 11.90
CA GLN C 71 -3.00 17.92 12.35
C GLN C 71 -1.97 16.87 12.00
N ASN C 72 -1.48 16.95 10.78
CA ASN C 72 -0.48 16.01 10.25
C ASN C 72 0.88 16.18 10.95
N ARG C 73 1.23 17.43 11.27
CA ARG C 73 2.45 17.66 12.08
C ARG C 73 2.25 16.98 13.45
N SER C 74 1.06 17.10 14.02
CA SER C 74 0.77 16.50 15.31
C SER C 74 0.74 14.98 15.23
N TYR C 75 0.11 14.44 14.19
CA TYR C 75 0.12 12.97 14.02
C TYR C 75 1.57 12.45 13.84
N SER C 76 2.37 13.19 13.07
CA SER C 76 3.73 12.77 12.79
C SER C 76 4.56 12.69 14.09
N LYS C 77 4.42 13.71 14.93
CA LYS C 77 5.03 13.67 16.27
C LYS C 77 4.55 12.48 17.10
N LEU C 78 3.24 12.27 17.14
CA LEU C 78 2.70 11.13 17.87
C LEU C 78 3.23 9.79 17.37
N LEU C 79 3.13 9.57 16.08
CA LEU C 79 3.45 8.25 15.52
C LEU C 79 4.95 7.94 15.52
N CYS C 80 5.75 8.93 15.20
CA CYS C 80 7.22 8.77 15.25
C CYS C 80 7.66 8.48 16.67
N GLY C 81 7.06 9.23 17.60
CA GLY C 81 7.26 9.02 19.05
C GLY C 81 6.99 7.59 19.43
N LEU C 82 5.85 7.07 18.97
CA LEU C 82 5.50 5.68 19.21
C LEU C 82 6.47 4.72 18.54
N LEU C 83 6.83 5.01 17.30
CA LEU C 83 7.77 4.10 16.62
C LEU C 83 9.16 4.10 17.30
N ALA C 84 9.69 5.29 17.64
CA ALA C 84 10.95 5.36 18.41
C ALA C 84 10.84 4.57 19.71
N GLU C 85 9.83 4.85 20.50
CA GLU C 85 9.73 4.23 21.82
C GLU C 85 9.49 2.73 21.75
N ARG C 86 8.59 2.26 20.89
CA ARG C 86 8.21 0.85 20.94
C ARG C 86 9.00 -0.06 20.00
N LEU C 87 9.49 0.49 18.89
CA LEU C 87 10.18 -0.35 17.90
C LEU C 87 11.61 0.10 17.69
N ARG C 88 12.01 1.16 18.38
CA ARG C 88 13.39 1.67 18.38
C ARG C 88 13.73 2.22 17.04
N ILE C 89 12.75 2.81 16.34
CA ILE C 89 12.99 3.36 15.03
C ILE C 89 13.23 4.83 15.17
N SER C 90 14.33 5.29 14.59
CA SER C 90 14.66 6.69 14.65
C SER C 90 13.64 7.47 13.81
N PRO C 91 13.08 8.56 14.36
CA PRO C 91 12.10 9.36 13.60
C PRO C 91 12.57 9.81 12.24
N ASP C 92 13.87 10.01 12.08
CA ASP C 92 14.39 10.47 10.81
C ASP C 92 14.56 9.37 9.76
N ARG C 93 14.15 8.16 10.11
CA ARG C 93 14.08 7.04 9.20
C ARG C 93 12.63 6.53 9.08
N VAL C 94 11.68 7.48 9.09
CA VAL C 94 10.25 7.17 9.01
C VAL C 94 9.59 8.08 7.99
N TYR C 95 8.85 7.49 7.05
CA TYR C 95 7.95 8.26 6.19
C TYR C 95 6.52 7.89 6.57
N ILE C 96 5.67 8.89 6.71
CA ILE C 96 4.23 8.66 6.88
C ILE C 96 3.48 9.44 5.83
N ASN C 97 2.75 8.72 4.96
CA ASN C 97 1.92 9.34 3.97
C ASN C 97 0.48 9.45 4.48
N TYR C 98 -0.02 10.68 4.46
CA TYR C 98 -1.36 11.01 4.90
C TYR C 98 -2.30 11.11 3.70
N TYR C 99 -3.47 10.54 3.85
CA TYR C 99 -4.51 10.56 2.81
C TYR C 99 -5.84 10.98 3.36
N ASP C 100 -6.38 12.06 2.81
CA ASP C 100 -7.66 12.57 3.21
C ASP C 100 -8.64 11.97 2.20
N MET C 101 -9.36 10.93 2.62
CA MET C 101 -10.21 10.19 1.72
C MET C 101 -11.60 10.82 1.65
N ASN C 102 -12.17 10.92 0.45
CA ASN C 102 -13.58 11.30 0.34
CA ASN C 102 -13.58 11.29 0.28
C ASN C 102 -14.43 10.12 0.79
N ALA C 103 -15.53 10.41 1.48
CA ALA C 103 -16.35 9.34 2.02
C ALA C 103 -16.90 8.40 0.91
N ALA C 104 -17.10 8.92 -0.27
CA ALA C 104 -17.60 8.11 -1.39
C ALA C 104 -16.60 7.09 -1.87
N ASN C 105 -15.33 7.28 -1.54
CA ASN C 105 -14.22 6.43 -1.98
C ASN C 105 -13.71 5.52 -0.87
N VAL C 106 -14.54 5.34 0.17
CA VAL C 106 -14.24 4.35 1.21
C VAL C 106 -15.39 3.39 1.37
N GLY C 107 -15.14 2.15 1.02
CA GLY C 107 -16.11 1.09 1.11
C GLY C 107 -16.08 0.42 2.48
N TRP C 108 -17.25 0.00 2.97
CA TRP C 108 -17.39 -0.62 4.30
C TRP C 108 -18.77 -1.20 4.40
N ASN C 109 -18.87 -2.43 4.90
CA ASN C 109 -20.19 -3.00 5.12
C ASN C 109 -21.13 -2.91 3.92
N ASN C 110 -20.65 -3.38 2.76
CA ASN C 110 -21.45 -3.49 1.55
C ASN C 110 -21.83 -2.20 0.85
N SER C 111 -21.31 -1.09 1.33
CA SER C 111 -21.57 0.17 0.75
C SER C 111 -20.35 1.06 0.90
N THR C 112 -20.56 2.36 0.87
CA THR C 112 -19.54 3.34 1.20
C THR C 112 -20.03 4.23 2.33
N PHE C 113 -19.13 5.04 2.84
CA PHE C 113 -19.43 6.04 3.86
C PHE C 113 -20.14 7.31 3.29
N ALA C 114 -20.40 7.37 1.97
CA ALA C 114 -21.06 8.54 1.39
C ALA C 114 -22.43 8.74 2.02
C2 6H2 D . 10.92 14.03 -1.61
C3 6H2 D . 10.44 14.97 -2.53
C4 6H2 D . 11.20 16.08 -2.86
C5 6H2 D . 12.41 16.32 -2.22
C6 6H2 D . 12.89 15.42 -1.25
C7 6H2 D . 12.12 14.29 -0.93
O8 6H2 D . 13.14 17.43 -2.59
O9 6H2 D . 10.74 16.94 -3.81
C10 6H2 D . 10.00 12.93 -1.22
N11 6H2 D . 10.46 11.71 -0.77
C12 6H2 D . 9.38 11.02 -0.40
N13 6H2 D . 8.24 11.79 -0.62
C14 6H2 D . 8.68 12.98 -1.11
C15 6H2 D . 9.18 9.75 0.11
C16 6H2 D . 7.89 9.33 0.39
C17 6H2 D . 6.79 10.15 0.17
C18 6H2 D . 6.98 11.38 -0.34
S SO4 E . 6.34 16.16 -16.82
O1 SO4 E . 5.87 15.82 -18.19
O2 SO4 E . 7.56 16.99 -16.97
O3 SO4 E . 6.72 14.95 -16.05
O4 SO4 E . 5.25 16.90 -16.12
S SO4 F . -1.90 4.37 -1.63
O1 SO4 F . -2.34 5.75 -1.97
O2 SO4 F . -0.43 4.26 -1.65
O3 SO4 F . -2.40 4.01 -0.29
O4 SO4 F . -2.44 3.43 -2.63
S SO4 G . -20.97 7.22 -10.25
O1 SO4 G . -21.68 6.90 -11.51
O2 SO4 G . -20.08 8.37 -10.48
O3 SO4 G . -20.24 6.00 -9.83
O4 SO4 G . -21.98 7.62 -9.19
S SO4 H . -15.11 6.88 -16.60
O1 SO4 H . -14.04 7.83 -16.09
O2 SO4 H . -15.87 7.62 -17.61
O3 SO4 H . -16.03 6.41 -15.52
O4 SO4 H . -14.55 5.70 -17.29
C1 GOL I . -4.52 1.21 -11.97
O1 GOL I . -3.56 0.85 -10.93
C2 GOL I . -4.28 0.20 -13.08
O2 GOL I . -4.59 -1.02 -12.44
C3 GOL I . -5.05 0.32 -14.41
O3 GOL I . -6.50 0.38 -14.38
S SO4 J . -5.12 21.78 9.80
O1 SO4 J . -4.02 22.77 9.59
O2 SO4 J . -5.86 21.77 8.51
O3 SO4 J . -4.63 20.42 10.14
O4 SO4 J . -5.99 22.19 10.92
S SO4 K . -12.36 17.92 9.12
O1 SO4 K . -12.96 17.99 7.76
O2 SO4 K . -10.99 18.50 9.11
O3 SO4 K . -12.27 16.51 9.57
O4 SO4 K . -13.21 18.63 10.12
S SO4 L . 1.06 24.22 13.97
O1 SO4 L . 1.85 25.41 13.61
O2 SO4 L . 1.72 22.98 13.48
O3 SO4 L . 0.93 24.13 15.45
O4 SO4 L . -0.29 24.35 13.38
C1 IPA M . -0.10 -7.37 20.11
C2 IPA M . -1.34 -6.64 19.61
C3 IPA M . -2.41 -7.66 19.22
O2 IPA M . -1.89 -5.73 20.58
C1 GOL N . -12.07 5.63 7.23
O1 GOL N . -11.99 6.71 8.19
C2 GOL N . -10.65 5.22 6.86
O2 GOL N . -10.49 3.89 7.33
C3 GOL N . -10.29 5.27 5.37
O3 GOL N . -9.74 4.01 5.00
#